data_1D3T
#
_entry.id   1D3T
#
_cell.length_a   71.140
_cell.length_b   71.850
_cell.length_c   72.960
_cell.angle_alpha   90.00
_cell.angle_beta   100.50
_cell.angle_gamma   90.00
#
_symmetry.space_group_name_H-M   'C 1 2 1'
#
loop_
_entity.id
_entity.type
_entity.pdbx_description
1 polymer ALPHA-THROMBIN
2 polymer ALPHA-THROMBIN
3 polymer HIRUGEN
4 non-polymer 2-acetamido-2-deoxy-beta-D-glucopyranose
5 non-polymer 'SODIUM ION'
6 non-polymer {2-[4-(2-PYRROLIDIN-1-YL-ETHOXY)-PHENYL]-BENZO[B]THIOPHEN-3-YL}-[4-(2-PYRROLIDIN-1-YL-ETHOXY)-PHENYL]-METHANONE
#
loop_
_entity_poly.entity_id
_entity_poly.type
_entity_poly.pdbx_seq_one_letter_code
_entity_poly.pdbx_strand_id
1 'polypeptide(L)' TFGSGEADCGLRPLFEKKSLEDKTERELLESYIDGR A
2 'polypeptide(L)'
;IVEGSDAEIGMSPWQVMLFRKSPQELLCGASLISDRWVLTAAHCLLYPPWDKNFTENDLLVRIGKHSRTRYERNIEKISM
LEKIYIHPRYNWRENLDRDIALMKLKKPVAFSDYIHPVCLPDRETAASLLQAGYKGRVTGWGNLKETWTANVGKGQPSVL
QVVNLPIVERPVCKDSTRIRITDNMFCAGYKPDEGKRGDACEGDSGGPFVMKSPFNNRWYQMGIVSWGEGCDRDGKYGFY
THVFRLKKWIQKVIDQFGE
;
B
3 'polypeptide(L)' GDFEEIPEE(TYS)LQ H
#
loop_
_chem_comp.id
_chem_comp.type
_chem_comp.name
_chem_comp.formula
BT1 non-polymer {2-[4-(2-PYRROLIDIN-1-YL-ETHOXY)-PHENYL]-BENZO[B]THIOPHEN-3-YL}-[4-(2-PYRROLIDIN-1-YL-ETHOXY)-PHENYL]-METHANONE 'C32 H35 N3 O3 S'
NA non-polymer 'SODIUM ION' 'Na 1'
NAG D-saccharide, beta linking 2-acetamido-2-deoxy-beta-D-glucopyranose 'C8 H15 N O6'
#
# COMPACT_ATOMS: atom_id res chain seq x y z
N GLU A 6 13.97 10.62 1.65
CA GLU A 6 13.79 11.72 0.63
C GLU A 6 13.48 13.09 1.26
N ALA A 7 14.21 14.10 0.79
CA ALA A 7 14.05 15.47 1.26
C ALA A 7 12.61 16.00 1.19
N ASP A 8 11.98 15.91 0.02
CA ASP A 8 10.59 16.38 -0.09
C ASP A 8 9.55 15.25 -0.13
N CYS A 9 9.84 14.16 0.59
CA CYS A 9 8.93 13.04 0.64
C CYS A 9 7.59 13.41 1.29
N GLY A 10 6.55 12.66 0.95
CA GLY A 10 5.26 12.88 1.54
C GLY A 10 4.57 14.14 1.10
N LEU A 11 5.22 14.91 0.24
CA LEU A 11 4.63 16.15 -0.26
C LEU A 11 4.20 15.96 -1.70
N ARG A 12 2.89 16.06 -1.93
CA ARG A 12 2.33 15.87 -3.26
C ARG A 12 2.41 17.12 -4.15
N PRO A 13 3.00 16.98 -5.36
CA PRO A 13 3.15 18.09 -6.29
C PRO A 13 1.85 18.80 -6.64
N LEU A 14 0.76 18.04 -6.69
CA LEU A 14 -0.54 18.60 -7.05
C LEU A 14 -1.42 19.07 -5.90
N PHE A 15 -0.98 18.84 -4.67
CA PHE A 15 -1.77 19.22 -3.50
C PHE A 15 -1.05 20.07 -2.45
N GLU A 16 -0.14 19.45 -1.71
CA GLU A 16 0.59 20.18 -0.68
C GLU A 16 1.44 21.28 -1.30
N LYS A 17 2.23 20.92 -2.31
CA LYS A 17 3.09 21.89 -2.96
C LYS A 17 2.30 23.04 -3.58
N LYS A 18 1.01 22.84 -3.79
CA LYS A 18 0.14 23.85 -4.38
C LYS A 18 -0.78 24.47 -3.33
N SER A 19 -0.67 23.98 -2.10
CA SER A 19 -1.49 24.42 -0.98
C SER A 19 -2.96 24.08 -1.22
N LEU A 20 -3.21 23.00 -1.93
CA LEU A 20 -4.56 22.55 -2.18
C LEU A 20 -4.80 21.29 -1.37
N GLU A 21 -6.04 21.07 -0.96
CA GLU A 21 -6.37 19.89 -0.17
C GLU A 21 -7.18 18.88 -0.96
N ASP A 22 -6.97 17.59 -0.74
CA ASP A 22 -7.76 16.63 -1.48
C ASP A 22 -9.15 16.50 -0.82
N LYS A 23 -10.10 16.00 -1.59
CA LYS A 23 -11.48 15.87 -1.14
C LYS A 23 -11.77 15.33 0.27
N THR A 24 -10.98 14.38 0.75
CA THR A 24 -11.27 13.83 2.07
C THR A 24 -10.18 13.87 3.11
N GLU A 25 -9.06 14.49 2.81
CA GLU A 25 -7.99 14.51 3.80
C GLU A 25 -8.42 15.20 5.11
N ARG A 26 -9.44 16.03 5.07
CA ARG A 26 -9.93 16.71 6.30
C ARG A 26 -10.39 15.64 7.30
N GLU A 27 -11.06 14.62 6.77
CA GLU A 27 -11.57 13.52 7.58
C GLU A 27 -10.44 12.98 8.44
N LEU A 28 -9.29 12.74 7.83
CA LEU A 28 -8.14 12.21 8.56
C LEU A 28 -7.72 13.17 9.67
N LEU A 29 -7.36 14.39 9.30
CA LEU A 29 -6.90 15.40 10.26
C LEU A 29 -7.83 15.62 11.44
N GLU A 30 -9.13 15.44 11.22
CA GLU A 30 -10.10 15.64 12.26
C GLU A 30 -10.18 14.49 13.23
N SER A 31 -9.59 13.35 12.85
CA SER A 31 -9.60 12.19 13.71
C SER A 31 -8.43 12.24 14.69
N TYR A 32 -7.44 13.08 14.38
CA TYR A 32 -6.24 13.22 15.19
C TYR A 32 -6.46 14.22 16.35
N ILE A 33 -6.97 13.71 17.48
CA ILE A 33 -7.26 14.53 18.66
C ILE A 33 -6.04 15.05 19.47
N ILE B 1 -10.59 -2.24 -3.32
CA ILE B 1 -11.25 -1.47 -2.24
C ILE B 1 -12.76 -1.65 -2.30
N VAL B 2 -13.34 -1.94 -1.15
CA VAL B 2 -14.78 -2.13 -1.01
C VAL B 2 -15.33 -0.89 -0.31
N GLU B 3 -16.44 -0.37 -0.82
CA GLU B 3 -17.07 0.83 -0.25
C GLU B 3 -16.15 2.05 -0.19
N GLY B 4 -15.35 2.26 -1.24
CA GLY B 4 -14.43 3.39 -1.27
C GLY B 4 -14.89 4.45 -2.24
N SER B 5 -13.96 5.06 -2.96
CA SER B 5 -14.30 6.11 -3.92
C SER B 5 -13.14 6.39 -4.83
N ASP B 6 -13.43 6.96 -6.00
CA ASP B 6 -12.41 7.26 -6.98
C ASP B 6 -11.37 8.23 -6.45
N ALA B 7 -10.10 7.88 -6.58
CA ALA B 7 -9.03 8.75 -6.13
C ALA B 7 -8.99 9.98 -7.06
N GLU B 8 -8.47 11.09 -6.57
CA GLU B 8 -8.33 12.31 -7.37
C GLU B 8 -7.01 12.12 -8.13
N ILE B 9 -6.83 12.79 -9.25
CA ILE B 9 -5.58 12.64 -9.98
C ILE B 9 -4.44 13.20 -9.13
N GLY B 10 -3.36 12.45 -8.99
CA GLY B 10 -2.25 12.96 -8.19
C GLY B 10 -2.39 12.77 -6.69
N MET B 11 -3.49 12.16 -6.25
CA MET B 11 -3.78 11.90 -4.83
C MET B 11 -2.76 10.95 -4.18
N SER B 12 -2.27 9.97 -4.92
CA SER B 12 -1.30 9.03 -4.36
C SER B 12 -0.12 8.85 -5.32
N PRO B 13 0.72 9.87 -5.47
CA PRO B 13 1.86 9.74 -6.37
C PRO B 13 2.77 8.56 -6.09
N TRP B 14 2.70 8.07 -4.86
CA TRP B 14 3.54 6.96 -4.44
C TRP B 14 2.93 5.60 -4.75
N GLN B 15 1.63 5.54 -4.99
CA GLN B 15 0.99 4.28 -5.30
C GLN B 15 1.68 3.65 -6.50
N VAL B 16 1.91 2.34 -6.39
CA VAL B 16 2.56 1.54 -7.41
C VAL B 16 1.74 0.28 -7.69
N MET B 17 1.87 -0.24 -8.91
CA MET B 17 1.15 -1.44 -9.31
C MET B 17 2.12 -2.55 -9.62
N LEU B 18 1.87 -3.74 -9.05
CA LEU B 18 2.71 -4.90 -9.29
C LEU B 18 2.07 -5.61 -10.47
N PHE B 19 2.73 -5.52 -11.63
CA PHE B 19 2.17 -6.11 -12.84
C PHE B 19 2.88 -7.38 -13.25
N ARG B 20 2.11 -8.41 -13.57
CA ARG B 20 2.68 -9.67 -14.02
C ARG B 20 2.98 -9.60 -15.52
N LYS B 21 4.17 -10.04 -15.91
CA LYS B 21 4.57 -10.06 -17.33
C LYS B 21 3.64 -10.93 -18.19
N SER B 22 3.54 -12.21 -17.84
CA SER B 22 2.65 -13.12 -18.56
C SER B 22 2.13 -14.14 -17.58
N PRO B 23 0.81 -14.21 -17.43
CA PRO B 23 -0.12 -13.35 -18.16
C PRO B 23 -0.19 -11.90 -17.63
N GLN B 24 -0.23 -10.94 -18.54
CA GLN B 24 -0.30 -9.52 -18.16
C GLN B 24 -1.47 -9.34 -17.17
N GLU B 25 -1.18 -9.30 -15.88
CA GLU B 25 -2.23 -9.10 -14.86
C GLU B 25 -1.77 -8.43 -13.56
N LEU B 26 -2.75 -7.83 -12.86
CA LEU B 26 -2.51 -7.13 -11.61
C LEU B 26 -2.30 -8.12 -10.48
N LEU B 27 -1.12 -8.05 -9.87
CA LEU B 27 -0.76 -8.94 -8.79
C LEU B 27 -0.95 -8.34 -7.41
N CYS B 28 -0.52 -7.10 -7.24
CA CYS B 28 -0.60 -6.49 -5.92
C CYS B 28 -0.35 -4.99 -5.96
N GLY B 29 -0.45 -4.37 -4.78
CA GLY B 29 -0.22 -2.94 -4.66
C GLY B 29 1.18 -2.76 -4.05
N ALA B 30 1.73 -1.55 -4.13
CA ALA B 30 3.06 -1.28 -3.59
C ALA B 30 3.24 0.22 -3.47
N SER B 31 4.34 0.65 -2.87
CA SER B 31 4.57 2.08 -2.72
C SER B 31 6.00 2.40 -3.01
N LEU B 32 6.22 3.62 -3.48
CA LEU B 32 7.55 4.10 -3.85
C LEU B 32 8.11 4.92 -2.70
N ILE B 33 9.18 4.44 -2.09
CA ILE B 33 9.79 5.14 -0.96
C ILE B 33 11.01 5.95 -1.35
N SER B 34 11.56 5.63 -2.51
CA SER B 34 12.73 6.33 -3.04
C SER B 34 12.73 6.25 -4.57
N ASP B 35 13.73 6.82 -5.23
CA ASP B 35 13.76 6.77 -6.71
C ASP B 35 14.17 5.41 -7.24
N ARG B 36 14.50 4.50 -6.33
CA ARG B 36 14.93 3.17 -6.71
C ARG B 36 14.44 2.05 -5.81
N TRP B 37 13.58 2.37 -4.85
CA TRP B 37 13.06 1.37 -3.91
C TRP B 37 11.54 1.35 -3.77
N VAL B 38 10.95 0.18 -4.03
CA VAL B 38 9.50 0.02 -3.92
C VAL B 38 9.19 -0.91 -2.74
N LEU B 39 8.24 -0.52 -1.90
CA LEU B 39 7.89 -1.33 -0.73
C LEU B 39 6.55 -2.05 -0.89
N THR B 40 6.53 -3.35 -0.62
CA THR B 40 5.30 -4.12 -0.77
C THR B 40 5.26 -5.26 0.22
N ALA B 41 4.12 -5.94 0.32
CA ALA B 41 3.95 -7.09 1.21
C ALA B 41 4.73 -8.24 0.59
N ALA B 42 5.24 -9.12 1.45
CA ALA B 42 6.01 -10.28 1.00
C ALA B 42 5.08 -11.35 0.41
N HIS B 43 3.97 -11.59 1.07
CA HIS B 43 3.03 -12.59 0.60
C HIS B 43 2.71 -12.38 -0.89
N CYS B 44 2.93 -11.16 -1.39
CA CYS B 44 2.68 -10.87 -2.78
C CYS B 44 3.71 -11.59 -3.65
N LEU B 45 4.93 -11.72 -3.14
CA LEU B 45 5.99 -12.38 -3.88
C LEU B 45 6.14 -13.86 -3.58
N LEU B 46 5.91 -14.23 -2.32
CA LEU B 46 6.09 -15.62 -1.92
C LEU B 46 5.02 -16.12 -0.98
N TYR B 47 4.42 -17.26 -1.33
CA TYR B 47 3.40 -17.87 -0.51
C TYR B 47 3.20 -19.30 -0.98
N PRO B 48 4.05 -20.23 -0.51
CA PRO B 48 4.01 -21.64 -0.87
C PRO B 48 2.62 -22.22 -0.88
N PRO B 49 1.84 -22.01 0.18
CA PRO B 49 0.49 -22.55 0.20
C PRO B 49 -0.28 -22.37 -1.12
N TRP B 50 -0.17 -21.19 -1.74
CA TRP B 50 -0.87 -20.92 -3.00
C TRP B 50 0.06 -21.02 -4.18
N ASP B 51 1.09 -21.85 -4.04
CA ASP B 51 2.08 -22.06 -5.12
C ASP B 51 2.65 -20.79 -5.74
N LYS B 52 2.65 -19.71 -4.98
CA LYS B 52 3.18 -18.44 -5.46
C LYS B 52 4.66 -18.31 -5.11
N ASN B 53 5.43 -17.78 -6.06
CA ASN B 53 6.86 -17.59 -5.85
C ASN B 53 7.50 -16.95 -7.07
N PHE B 54 7.37 -15.63 -7.15
CA PHE B 54 7.89 -14.86 -8.28
C PHE B 54 9.31 -14.33 -8.11
N THR B 55 9.96 -14.10 -9.24
CA THR B 55 11.31 -13.55 -9.24
C THR B 55 11.31 -12.18 -9.93
N GLU B 56 12.48 -11.55 -9.92
CA GLU B 56 12.65 -10.26 -10.53
C GLU B 56 12.16 -10.28 -11.97
N ASN B 57 12.54 -11.34 -12.67
CA ASN B 57 12.16 -11.47 -14.07
C ASN B 57 10.68 -11.72 -14.36
N ASP B 58 9.91 -12.18 -13.39
CA ASP B 58 8.50 -12.47 -13.65
C ASP B 58 7.60 -11.26 -13.73
N LEU B 59 8.02 -10.15 -13.16
CA LEU B 59 7.13 -9.01 -13.18
C LEU B 59 7.67 -7.63 -13.44
N LEU B 60 6.72 -6.72 -13.62
CA LEU B 60 6.98 -5.34 -13.89
C LEU B 60 6.35 -4.48 -12.79
N VAL B 61 6.92 -3.30 -12.58
CA VAL B 61 6.45 -2.35 -11.58
C VAL B 61 5.92 -1.13 -12.33
N ARG B 62 4.64 -0.83 -12.17
CA ARG B 62 4.07 0.32 -12.88
C ARG B 62 3.72 1.52 -11.98
N ILE B 63 4.49 2.59 -12.16
CA ILE B 63 4.40 3.84 -11.40
C ILE B 63 3.63 4.98 -12.06
N GLY B 64 2.91 5.76 -11.25
CA GLY B 64 2.17 6.90 -11.77
C GLY B 64 0.80 6.63 -12.35
N LYS B 65 0.32 5.41 -12.24
CA LYS B 65 -0.98 5.07 -12.79
C LYS B 65 -2.22 5.61 -12.07
N HIS B 66 -3.34 5.66 -12.79
CA HIS B 66 -4.61 6.15 -12.25
C HIS B 66 -5.67 5.17 -12.70
N SER B 67 -5.61 4.85 -13.99
CA SER B 67 -6.55 3.91 -14.58
C SER B 67 -5.93 2.53 -14.39
N ARG B 68 -6.76 1.57 -14.04
CA ARG B 68 -6.28 0.21 -13.81
C ARG B 68 -5.76 -0.49 -15.06
N THR B 69 -6.60 -0.58 -16.10
CA THR B 69 -6.26 -1.32 -17.33
C THR B 69 -5.54 -0.61 -18.49
N ARG B 70 -5.76 0.68 -18.65
CA ARG B 70 -5.13 1.41 -19.75
C ARG B 70 -3.68 1.82 -19.53
N TYR B 71 -2.84 1.56 -20.52
CA TYR B 71 -1.43 1.93 -20.44
C TYR B 71 -1.33 3.46 -20.63
N GLU B 72 -1.36 4.19 -19.53
CA GLU B 72 -1.32 5.67 -19.54
C GLU B 72 -0.01 6.28 -20.08
N ARG B 73 -0.02 6.45 -21.39
CA ARG B 73 1.06 7.00 -22.20
C ARG B 73 1.50 8.40 -21.76
N ASN B 74 2.81 8.58 -21.68
CA ASN B 74 3.39 9.87 -21.29
C ASN B 74 3.25 10.16 -19.82
N ILE B 75 2.37 9.41 -19.15
CA ILE B 75 2.12 9.60 -17.73
C ILE B 75 2.78 8.58 -16.84
N GLU B 76 2.45 7.31 -17.03
CA GLU B 76 3.01 6.24 -16.21
C GLU B 76 4.39 5.77 -16.67
N LYS B 77 5.18 5.22 -15.75
CA LYS B 77 6.51 4.71 -16.09
C LYS B 77 6.58 3.27 -15.62
N ILE B 78 6.97 2.36 -16.53
CA ILE B 78 7.09 0.95 -16.20
C ILE B 78 8.58 0.63 -16.06
N SER B 79 8.97 -0.02 -14.96
CA SER B 79 10.39 -0.38 -14.75
C SER B 79 10.59 -1.85 -14.51
N MET B 80 11.86 -2.24 -14.50
CA MET B 80 12.22 -3.62 -14.27
C MET B 80 12.88 -3.73 -12.90
N LEU B 81 12.78 -4.92 -12.31
CA LEU B 81 13.31 -5.17 -10.98
C LEU B 81 14.68 -5.76 -11.00
N GLU B 82 15.58 -5.16 -10.25
CA GLU B 82 16.93 -5.66 -10.16
C GLU B 82 17.00 -6.75 -9.10
N LYS B 83 16.63 -6.43 -7.86
CA LYS B 83 16.67 -7.43 -6.79
C LYS B 83 15.47 -7.36 -5.86
N ILE B 84 14.99 -8.53 -5.42
CA ILE B 84 13.85 -8.61 -4.51
C ILE B 84 14.32 -9.07 -3.13
N TYR B 85 13.96 -8.35 -2.08
CA TYR B 85 14.38 -8.74 -0.74
C TYR B 85 13.21 -9.04 0.17
N ILE B 86 13.04 -10.29 0.56
CA ILE B 86 11.95 -10.62 1.47
C ILE B 86 12.49 -10.69 2.91
N HIS B 87 11.64 -10.43 3.90
CA HIS B 87 12.12 -10.46 5.28
C HIS B 87 12.58 -11.86 5.64
N PRO B 88 13.77 -11.97 6.21
CA PRO B 88 14.32 -13.27 6.61
C PRO B 88 13.43 -14.01 7.60
N ARG B 89 12.55 -13.30 8.27
CA ARG B 89 11.69 -13.95 9.24
C ARG B 89 10.20 -13.79 8.93
N TYR B 90 9.87 -13.91 7.65
CA TYR B 90 8.50 -13.80 7.18
C TYR B 90 7.75 -15.09 7.48
N ASN B 91 6.86 -15.04 8.48
CA ASN B 91 6.10 -16.22 8.88
C ASN B 91 4.93 -16.48 7.97
N TRP B 92 5.17 -17.13 6.83
CA TRP B 92 4.07 -17.41 5.93
C TRP B 92 3.34 -18.70 6.26
N ARG B 93 3.92 -19.55 7.10
CA ARG B 93 3.28 -20.81 7.49
C ARG B 93 2.20 -20.60 8.52
N GLU B 94 2.27 -19.47 9.21
CA GLU B 94 1.28 -19.21 10.24
C GLU B 94 0.41 -17.96 10.13
N ASN B 95 0.97 -16.82 10.52
CA ASN B 95 0.21 -15.56 10.53
C ASN B 95 0.71 -14.44 9.60
N LEU B 96 1.69 -14.73 8.75
CA LEU B 96 2.25 -13.72 7.85
C LEU B 96 2.95 -12.64 8.65
N ASP B 97 3.51 -13.02 9.80
CA ASP B 97 4.20 -12.07 10.66
C ASP B 97 5.39 -11.56 9.85
N ARG B 98 5.59 -10.26 9.85
CA ARG B 98 6.67 -9.62 9.12
C ARG B 98 6.43 -9.71 7.62
N ASP B 99 5.18 -9.52 7.25
CA ASP B 99 4.78 -9.54 5.85
C ASP B 99 5.32 -8.26 5.21
N ILE B 100 6.60 -8.27 4.83
CA ILE B 100 7.21 -7.11 4.21
C ILE B 100 8.29 -7.53 3.24
N ALA B 101 8.51 -6.71 2.21
CA ALA B 101 9.52 -7.00 1.19
C ALA B 101 9.90 -5.74 0.45
N LEU B 102 11.16 -5.69 0.04
CA LEU B 102 11.70 -4.56 -0.71
C LEU B 102 11.98 -4.95 -2.17
N MET B 103 11.92 -3.96 -3.05
CA MET B 103 12.20 -4.17 -4.45
C MET B 103 13.09 -3.05 -4.94
N LYS B 104 14.18 -3.42 -5.61
CA LYS B 104 15.13 -2.46 -6.15
C LYS B 104 14.94 -2.35 -7.66
N LEU B 105 14.57 -1.16 -8.10
CA LEU B 105 14.37 -0.92 -9.51
C LEU B 105 15.69 -1.03 -10.24
N LYS B 106 15.63 -1.37 -11.52
CA LYS B 106 16.83 -1.50 -12.32
C LYS B 106 17.48 -0.14 -12.53
N LYS B 107 16.67 0.86 -12.89
CA LYS B 107 17.17 2.22 -13.05
C LYS B 107 16.19 3.14 -12.34
N PRO B 108 16.71 4.19 -11.71
CA PRO B 108 15.86 5.13 -10.98
C PRO B 108 14.74 5.61 -11.86
N VAL B 109 13.66 6.08 -11.23
CA VAL B 109 12.54 6.61 -11.96
C VAL B 109 12.60 8.13 -11.75
N ALA B 110 11.99 8.91 -12.63
CA ALA B 110 12.00 10.36 -12.47
C ALA B 110 10.66 10.80 -11.92
N PHE B 111 10.70 11.64 -10.89
CA PHE B 111 9.47 12.11 -10.28
C PHE B 111 8.77 13.12 -11.18
N SER B 112 7.46 13.22 -11.02
CA SER B 112 6.64 14.12 -11.79
C SER B 112 5.42 14.48 -10.93
N ASP B 113 4.43 15.10 -11.53
CA ASP B 113 3.25 15.46 -10.77
C ASP B 113 2.48 14.21 -10.32
N TYR B 114 2.67 13.11 -11.05
CA TYR B 114 1.99 11.85 -10.77
C TYR B 114 2.88 10.79 -10.12
N ILE B 115 4.15 11.12 -9.93
CA ILE B 115 5.11 10.19 -9.34
C ILE B 115 5.96 10.88 -8.27
N HIS B 116 5.76 10.50 -7.02
CA HIS B 116 6.48 11.09 -5.88
C HIS B 116 6.48 10.05 -4.76
N PRO B 117 7.60 9.95 -4.01
CA PRO B 117 7.71 8.98 -2.92
C PRO B 117 7.06 9.34 -1.58
N VAL B 118 6.69 8.33 -0.81
CA VAL B 118 6.08 8.57 0.51
C VAL B 118 7.14 8.42 1.60
N CYS B 119 6.95 9.09 2.73
CA CYS B 119 7.93 8.99 3.80
C CYS B 119 7.73 7.79 4.72
N LEU B 120 8.82 7.30 5.29
CA LEU B 120 8.76 6.20 6.25
C LEU B 120 8.76 6.92 7.60
N PRO B 121 7.94 6.48 8.55
CA PRO B 121 7.85 7.11 9.87
C PRO B 121 9.06 6.95 10.77
N ASP B 122 9.20 7.91 11.69
CA ASP B 122 10.20 7.90 12.68
C ASP B 122 9.47 7.60 13.94
N ARG B 123 10.13 7.07 14.98
CA ARG B 123 9.47 6.69 16.23
C ARG B 123 8.44 7.65 16.80
N GLU B 124 8.71 8.93 16.69
CA GLU B 124 7.81 9.91 17.22
C GLU B 124 6.52 9.97 16.44
N THR B 125 6.64 10.17 15.14
CA THR B 125 5.47 10.25 14.28
C THR B 125 4.63 9.02 14.51
N ALA B 126 5.30 7.88 14.59
CA ALA B 126 4.59 6.64 14.81
C ALA B 126 3.92 6.67 16.17
N ALA B 127 4.70 7.01 17.18
CA ALA B 127 4.17 7.06 18.52
C ALA B 127 2.91 7.90 18.57
N SER B 128 3.03 9.11 18.06
CA SER B 128 1.95 10.06 18.06
C SER B 128 0.74 9.81 17.14
N LEU B 129 0.96 9.12 16.04
CA LEU B 129 -0.12 8.90 15.09
C LEU B 129 -0.82 7.55 15.17
N LEU B 130 -0.08 6.49 15.46
CA LEU B 130 -0.69 5.19 15.55
C LEU B 130 -1.50 5.03 16.82
N GLN B 131 -2.73 5.56 16.81
CA GLN B 131 -3.60 5.47 17.96
C GLN B 131 -5.02 5.16 17.53
N ALA B 132 -5.69 4.30 18.28
CA ALA B 132 -7.05 3.91 17.97
C ALA B 132 -7.88 5.13 17.68
N GLY B 133 -8.82 4.98 16.75
CA GLY B 133 -9.70 6.07 16.38
C GLY B 133 -9.13 7.01 15.34
N TYR B 134 -7.80 7.02 15.22
CA TYR B 134 -7.10 7.84 14.26
C TYR B 134 -7.25 7.16 12.92
N LYS B 135 -7.70 7.93 11.94
CA LYS B 135 -7.93 7.45 10.60
C LYS B 135 -6.73 7.50 9.65
N GLY B 136 -6.65 6.46 8.83
CA GLY B 136 -5.60 6.35 7.84
C GLY B 136 -6.29 6.14 6.49
N ARG B 137 -5.52 6.08 5.42
CA ARG B 137 -6.11 5.92 4.11
C ARG B 137 -5.46 4.80 3.33
N VAL B 138 -6.28 4.00 2.65
CA VAL B 138 -5.77 2.87 1.86
C VAL B 138 -6.13 3.11 0.41
N THR B 139 -5.34 2.57 -0.50
CA THR B 139 -5.62 2.80 -1.90
C THR B 139 -5.34 1.58 -2.75
N GLY B 140 -6.02 1.46 -3.88
CA GLY B 140 -5.76 0.31 -4.74
C GLY B 140 -6.76 0.09 -5.86
N TRP B 141 -6.42 -0.88 -6.69
CA TRP B 141 -7.24 -1.25 -7.83
C TRP B 141 -7.80 -2.63 -7.61
N GLY B 142 -7.86 -3.06 -6.35
CA GLY B 142 -8.37 -4.38 -6.07
C GLY B 142 -9.87 -4.45 -6.23
N ASN B 143 -10.42 -5.61 -5.90
CA ASN B 143 -11.86 -5.87 -5.99
C ASN B 143 -12.77 -4.92 -5.21
N LEU B 144 -13.89 -4.56 -5.82
CA LEU B 144 -14.86 -3.67 -5.19
C LEU B 144 -15.76 -4.39 -4.20
N LYS B 145 -15.85 -5.72 -4.31
CA LYS B 145 -16.65 -6.50 -3.38
C LYS B 145 -16.02 -7.87 -3.16
N GLU B 146 -16.24 -8.46 -1.98
CA GLU B 146 -15.65 -9.77 -1.68
C GLU B 146 -15.97 -10.86 -2.70
N THR B 147 -17.10 -10.74 -3.40
CA THR B 147 -17.47 -11.75 -4.40
C THR B 147 -18.74 -11.43 -5.18
N GLY B 155 -16.99 -5.28 -10.43
CA GLY B 155 -16.09 -6.14 -9.68
C GLY B 155 -14.68 -5.54 -9.58
N GLN B 156 -14.24 -4.99 -10.72
CA GLN B 156 -12.96 -4.30 -10.79
C GLN B 156 -13.33 -2.84 -11.02
N PRO B 157 -12.59 -1.91 -10.38
CA PRO B 157 -12.94 -0.50 -10.62
C PRO B 157 -12.20 -0.07 -11.88
N SER B 158 -12.51 1.12 -12.41
CA SER B 158 -11.83 1.60 -13.60
C SER B 158 -10.58 2.34 -13.18
N VAL B 159 -10.69 3.11 -12.12
CA VAL B 159 -9.55 3.87 -11.64
C VAL B 159 -9.27 3.57 -10.18
N LEU B 160 -8.10 4.02 -9.73
CA LEU B 160 -7.69 3.81 -8.35
C LEU B 160 -8.69 4.27 -7.30
N GLN B 161 -9.01 3.36 -6.40
CA GLN B 161 -9.95 3.59 -5.30
C GLN B 161 -9.28 4.11 -4.02
N VAL B 162 -10.08 4.74 -3.15
CA VAL B 162 -9.57 5.29 -1.89
C VAL B 162 -10.63 5.15 -0.78
N VAL B 163 -10.15 4.88 0.43
CA VAL B 163 -11.02 4.74 1.59
C VAL B 163 -10.21 5.12 2.84
N ASN B 164 -10.85 5.78 3.80
CA ASN B 164 -10.16 6.16 5.03
C ASN B 164 -10.71 5.40 6.21
N LEU B 165 -9.87 4.58 6.84
CA LEU B 165 -10.29 3.76 7.97
C LEU B 165 -9.65 4.10 9.30
N PRO B 166 -10.42 3.98 10.38
CA PRO B 166 -9.90 4.28 11.71
C PRO B 166 -9.12 3.07 12.22
N ILE B 167 -8.08 3.33 13.00
CA ILE B 167 -7.25 2.29 13.58
C ILE B 167 -8.05 1.67 14.73
N VAL B 168 -7.96 0.36 14.90
CA VAL B 168 -8.72 -0.32 15.95
C VAL B 168 -7.92 -0.85 17.15
N GLU B 169 -8.49 -0.70 18.34
CA GLU B 169 -7.88 -1.15 19.59
C GLU B 169 -7.29 -2.56 19.47
N ARG B 170 -6.10 -2.77 20.02
CA ARG B 170 -5.45 -4.08 19.97
C ARG B 170 -6.34 -5.23 20.47
N PRO B 171 -7.04 -5.03 21.62
CA PRO B 171 -7.92 -6.07 22.18
C PRO B 171 -9.03 -6.51 21.23
N VAL B 172 -9.67 -5.54 20.58
CA VAL B 172 -10.73 -5.81 19.62
C VAL B 172 -10.22 -6.62 18.43
N CYS B 173 -9.05 -6.23 17.91
CA CYS B 173 -8.45 -6.92 16.76
C CYS B 173 -8.24 -8.41 17.06
N LYS B 174 -7.64 -8.70 18.21
CA LYS B 174 -7.37 -10.06 18.66
C LYS B 174 -8.62 -10.89 18.79
N ASP B 175 -9.62 -10.28 19.41
CA ASP B 175 -10.92 -10.90 19.67
C ASP B 175 -11.81 -11.11 18.44
N SER B 176 -11.37 -10.65 17.28
CA SER B 176 -12.16 -10.81 16.06
C SER B 176 -11.66 -11.95 15.21
N THR B 177 -10.51 -12.49 15.57
CA THR B 177 -9.93 -13.57 14.77
C THR B 177 -9.40 -14.73 15.58
N ARG B 178 -9.14 -15.84 14.90
CA ARG B 178 -8.62 -17.05 15.51
C ARG B 178 -7.11 -17.06 15.31
N ILE B 179 -6.64 -16.10 14.53
CA ILE B 179 -5.23 -15.99 14.22
C ILE B 179 -4.43 -15.19 15.24
N ARG B 180 -3.31 -15.78 15.68
CA ARG B 180 -2.42 -15.12 16.64
C ARG B 180 -1.82 -13.89 15.97
N ILE B 181 -2.24 -12.70 16.43
CA ILE B 181 -1.72 -11.46 15.86
C ILE B 181 -0.50 -11.00 16.66
N THR B 182 0.54 -10.57 15.97
CA THR B 182 1.75 -10.16 16.65
C THR B 182 1.87 -8.65 16.76
N ASP B 183 2.92 -8.18 17.42
CA ASP B 183 3.18 -6.76 17.61
C ASP B 183 3.49 -6.10 16.29
N ASN B 184 3.85 -6.91 15.30
CA ASN B 184 4.20 -6.42 13.99
C ASN B 184 3.00 -6.15 13.11
N MET B 185 1.82 -6.39 13.66
CA MET B 185 0.59 -6.15 12.92
C MET B 185 -0.31 -5.21 13.70
N PHE B 186 -1.24 -4.61 12.98
CA PHE B 186 -2.25 -3.71 13.53
C PHE B 186 -3.40 -3.75 12.53
N CYS B 187 -4.61 -3.91 13.04
CA CYS B 187 -5.79 -3.98 12.20
C CYS B 187 -6.46 -2.62 12.09
N ALA B 188 -7.46 -2.50 11.26
CA ALA B 188 -8.11 -1.21 11.08
C ALA B 188 -9.37 -1.37 10.29
N GLY B 189 -10.35 -0.54 10.59
CA GLY B 189 -11.62 -0.59 9.91
C GLY B 189 -12.70 -0.11 10.84
N TYR B 190 -13.94 -0.13 10.38
CA TYR B 190 -15.05 0.31 11.18
C TYR B 190 -15.63 -0.83 12.01
N LYS B 191 -16.37 -0.47 13.06
CA LYS B 191 -17.03 -1.46 13.92
C LYS B 191 -18.47 -1.60 13.44
N PRO B 192 -19.05 -2.81 13.59
CA PRO B 192 -20.43 -3.07 13.16
C PRO B 192 -21.41 -1.93 13.40
N ASP B 193 -21.25 -1.26 14.54
CA ASP B 193 -22.15 -0.20 14.91
C ASP B 193 -21.91 1.20 14.33
N GLU B 194 -20.66 1.51 14.02
CA GLU B 194 -20.32 2.82 13.50
C GLU B 194 -21.08 3.28 12.25
N GLY B 195 -21.79 2.36 11.61
CA GLY B 195 -22.57 2.75 10.44
C GLY B 195 -21.80 3.34 9.25
N LYS B 196 -20.57 2.89 9.07
CA LYS B 196 -19.70 3.30 7.96
C LYS B 196 -18.92 2.03 7.68
N ARG B 197 -18.62 1.77 6.40
CA ARG B 197 -17.89 0.56 6.03
C ARG B 197 -16.64 0.87 5.20
N GLY B 198 -16.05 -0.15 4.61
CA GLY B 198 -14.86 0.07 3.81
C GLY B 198 -13.73 -0.85 4.23
N ASP B 199 -13.00 -1.39 3.25
CA ASP B 199 -11.94 -2.31 3.55
C ASP B 199 -11.20 -2.60 2.26
N ALA B 200 -10.03 -3.20 2.37
CA ALA B 200 -9.21 -3.55 1.21
C ALA B 200 -9.86 -4.83 0.68
N CYS B 201 -9.18 -5.51 -0.23
CA CYS B 201 -9.72 -6.73 -0.82
C CYS B 201 -8.70 -7.20 -1.85
N GLU B 202 -8.94 -8.38 -2.40
CA GLU B 202 -8.07 -8.98 -3.39
C GLU B 202 -7.54 -7.97 -4.37
N GLY B 203 -6.22 -8.03 -4.59
CA GLY B 203 -5.56 -7.13 -5.51
C GLY B 203 -5.16 -5.81 -4.86
N ASP B 204 -5.51 -5.65 -3.59
CA ASP B 204 -5.20 -4.45 -2.83
C ASP B 204 -3.99 -4.65 -1.94
N SER B 205 -3.85 -5.87 -1.45
CA SER B 205 -2.74 -6.22 -0.59
C SER B 205 -1.43 -5.72 -1.22
N GLY B 206 -0.47 -5.41 -0.36
CA GLY B 206 0.80 -4.90 -0.81
C GLY B 206 0.73 -3.38 -0.71
N GLY B 207 -0.47 -2.85 -0.93
CA GLY B 207 -0.65 -1.42 -0.88
C GLY B 207 -0.36 -0.73 0.43
N PRO B 208 -0.20 0.61 0.39
CA PRO B 208 0.11 1.49 1.52
C PRO B 208 -1.08 2.05 2.27
N PHE B 209 -0.94 2.09 3.60
CA PHE B 209 -1.95 2.64 4.49
C PHE B 209 -1.18 3.85 5.03
N VAL B 210 -1.54 5.02 4.56
CA VAL B 210 -0.85 6.22 4.98
C VAL B 210 -1.63 7.10 5.93
N MET B 211 -0.94 8.10 6.45
CA MET B 211 -1.52 9.05 7.36
C MET B 211 -0.79 10.35 7.07
N LYS B 212 -1.40 11.47 7.38
CA LYS B 212 -0.79 12.77 7.15
C LYS B 212 -0.46 13.38 8.51
N SER B 213 0.80 13.76 8.72
CA SER B 213 1.18 14.34 10.00
C SER B 213 0.64 15.74 10.19
N PRO B 214 -0.04 15.97 11.31
CA PRO B 214 -0.58 17.30 11.57
C PRO B 214 0.52 18.26 12.02
N PHE B 215 1.73 17.72 12.15
CA PHE B 215 2.87 18.52 12.60
C PHE B 215 3.67 19.10 11.47
N ASN B 216 3.95 18.31 10.43
CA ASN B 216 4.74 18.83 9.32
C ASN B 216 4.07 18.73 7.96
N ASN B 217 2.81 18.31 7.94
CA ASN B 217 2.00 18.20 6.71
C ASN B 217 2.41 17.15 5.72
N ARG B 218 3.25 16.22 6.13
CA ARG B 218 3.72 15.18 5.22
C ARG B 218 2.92 13.91 5.34
N TRP B 219 3.03 13.04 4.33
CA TRP B 219 2.32 11.77 4.33
C TRP B 219 3.33 10.68 4.66
N TYR B 220 2.95 9.83 5.60
CA TYR B 220 3.81 8.73 6.03
C TYR B 220 3.03 7.46 5.83
N GLN B 221 3.72 6.38 5.51
CA GLN B 221 3.06 5.10 5.34
C GLN B 221 3.25 4.36 6.64
N MET B 222 2.14 4.17 7.37
CA MET B 222 2.17 3.51 8.67
C MET B 222 2.07 2.00 8.53
N GLY B 223 1.42 1.53 7.47
CA GLY B 223 1.30 0.09 7.31
C GLY B 223 1.31 -0.39 5.88
N ILE B 224 1.16 -1.70 5.72
CA ILE B 224 1.13 -2.36 4.42
C ILE B 224 -0.05 -3.31 4.48
N VAL B 225 -0.92 -3.27 3.47
CA VAL B 225 -2.06 -4.16 3.44
C VAL B 225 -1.52 -5.58 3.50
N SER B 226 -1.69 -6.26 4.63
CA SER B 226 -1.18 -7.62 4.79
C SER B 226 -2.22 -8.70 4.54
N TRP B 227 -3.12 -8.92 5.49
CA TRP B 227 -4.14 -9.96 5.29
C TRP B 227 -5.46 -9.63 5.94
N GLY B 228 -6.50 -10.30 5.45
CA GLY B 228 -7.83 -10.10 5.97
C GLY B 228 -8.61 -11.36 5.66
N GLU B 229 -9.69 -11.59 6.40
CA GLU B 229 -10.53 -12.77 6.17
C GLU B 229 -11.81 -12.24 5.54
N GLY B 230 -11.86 -12.27 4.21
CA GLY B 230 -13.02 -11.76 3.51
C GLY B 230 -12.83 -10.28 3.24
N CYS B 231 -13.90 -9.59 2.87
CA CYS B 231 -13.79 -8.18 2.57
C CYS B 231 -14.98 -7.44 3.13
N ASP B 232 -14.71 -6.41 3.93
CA ASP B 232 -15.80 -5.65 4.50
C ASP B 232 -16.90 -6.51 5.15
N ARG B 233 -16.49 -7.45 6.01
CA ARG B 233 -17.44 -8.29 6.73
C ARG B 233 -17.63 -7.62 8.08
N ASP B 234 -18.83 -7.70 8.65
CA ASP B 234 -19.07 -7.09 9.95
C ASP B 234 -18.25 -7.80 11.01
N GLY B 235 -17.75 -7.03 11.97
CA GLY B 235 -16.99 -7.61 13.06
C GLY B 235 -15.64 -8.19 12.71
N LYS B 236 -15.15 -7.87 11.52
CA LYS B 236 -13.83 -8.35 11.09
C LYS B 236 -13.03 -7.12 10.66
N TYR B 237 -11.70 -7.20 10.69
CA TYR B 237 -10.90 -6.05 10.29
C TYR B 237 -9.71 -6.47 9.46
N GLY B 238 -9.14 -5.50 8.73
CA GLY B 238 -7.98 -5.80 7.91
C GLY B 238 -6.71 -5.69 8.74
N PHE B 239 -5.71 -6.50 8.41
CA PHE B 239 -4.47 -6.37 9.17
C PHE B 239 -3.37 -5.86 8.28
N TYR B 240 -2.55 -5.01 8.91
CA TYR B 240 -1.49 -4.31 8.21
C TYR B 240 -0.16 -4.49 8.89
N THR B 241 0.91 -4.53 8.10
CA THR B 241 2.24 -4.68 8.64
C THR B 241 2.65 -3.36 9.26
N HIS B 242 3.08 -3.41 10.51
CA HIS B 242 3.52 -2.25 11.29
C HIS B 242 4.83 -1.83 10.69
N VAL B 243 4.80 -0.89 9.75
CA VAL B 243 6.04 -0.50 9.08
C VAL B 243 7.16 0.06 9.93
N PHE B 244 6.85 0.93 10.89
CA PHE B 244 7.91 1.49 11.72
C PHE B 244 8.65 0.41 12.51
N ARG B 245 7.89 -0.54 13.04
CA ARG B 245 8.42 -1.65 13.81
C ARG B 245 9.51 -2.42 13.06
N LEU B 246 9.46 -2.43 11.75
CA LEU B 246 10.44 -3.14 10.96
C LEU B 246 11.31 -2.20 10.15
N LYS B 247 11.35 -0.93 10.52
CA LYS B 247 12.14 0.06 9.78
C LYS B 247 13.63 -0.26 9.75
N LYS B 248 14.13 -0.79 10.87
CA LYS B 248 15.54 -1.16 10.96
C LYS B 248 15.96 -2.11 9.84
N TRP B 249 15.07 -3.03 9.46
CA TRP B 249 15.39 -3.97 8.40
C TRP B 249 15.38 -3.21 7.07
N ILE B 250 14.45 -2.26 6.96
CA ILE B 250 14.34 -1.47 5.76
C ILE B 250 15.64 -0.68 5.59
N GLN B 251 16.04 0.04 6.62
CA GLN B 251 17.28 0.82 6.53
C GLN B 251 18.45 -0.10 6.26
N LYS B 252 18.53 -1.20 7.00
CA LYS B 252 19.61 -2.15 6.83
C LYS B 252 19.79 -2.49 5.34
N VAL B 253 18.78 -3.14 4.76
CA VAL B 253 18.80 -3.53 3.36
C VAL B 253 19.20 -2.37 2.44
N ILE B 254 18.47 -1.27 2.56
CA ILE B 254 18.76 -0.11 1.74
C ILE B 254 20.25 0.26 1.81
N ASP B 255 20.73 0.49 3.03
CA ASP B 255 22.13 0.86 3.25
C ASP B 255 23.11 -0.20 2.73
N GLN B 256 22.98 -1.43 3.23
CA GLN B 256 23.89 -2.49 2.82
C GLN B 256 23.88 -2.77 1.32
N PHE B 257 22.73 -2.72 0.68
CA PHE B 257 22.66 -3.01 -0.75
C PHE B 257 22.32 -1.81 -1.65
N GLY C 1 -12.56 -5.36 -17.66
CA GLY C 1 -12.12 -6.53 -18.42
C GLY C 1 -10.62 -6.77 -18.25
N ASP C 2 -9.96 -7.03 -19.39
CA ASP C 2 -8.52 -7.28 -19.44
C ASP C 2 -7.70 -6.00 -19.68
N PHE C 3 -6.39 -6.14 -19.52
CA PHE C 3 -5.49 -5.00 -19.64
C PHE C 3 -5.20 -4.65 -21.10
N GLU C 4 -4.47 -3.55 -21.27
CA GLU C 4 -4.15 -3.11 -22.59
C GLU C 4 -2.70 -3.43 -22.82
N GLU C 5 -2.38 -3.59 -24.09
CA GLU C 5 -1.04 -3.91 -24.57
C GLU C 5 -0.06 -2.86 -24.04
N ILE C 6 1.08 -3.29 -23.52
CA ILE C 6 2.08 -2.32 -23.07
C ILE C 6 3.29 -2.48 -24.00
N PRO C 7 4.01 -1.38 -24.27
CA PRO C 7 5.19 -1.40 -25.13
C PRO C 7 6.07 -2.62 -24.90
N GLU C 8 6.57 -3.19 -25.99
CA GLU C 8 7.41 -4.38 -25.98
C GLU C 8 8.78 -4.14 -25.36
N GLU C 9 9.22 -2.89 -25.31
CA GLU C 9 10.50 -2.56 -24.71
C GLU C 9 10.52 -3.20 -23.35
N TYS C 10 9.44 -2.92 -22.60
CA TYS C 10 9.18 -3.39 -21.24
CB TYS C 10 7.93 -2.68 -20.61
CG TYS C 10 8.07 -1.26 -20.69
CD1 TYS C 10 6.99 -0.58 -21.43
CD2 TYS C 10 9.26 -0.51 -20.11
CE1 TYS C 10 7.17 0.89 -21.72
CE2 TYS C 10 9.39 0.97 -20.36
CZ TYS C 10 8.36 1.70 -21.16
OH TYS C 10 8.41 3.05 -21.29
S TYS C 10 7.51 3.75 -20.30
O1 TYS C 10 8.19 3.42 -18.89
O2 TYS C 10 7.56 5.32 -20.52
O3 TYS C 10 5.92 3.29 -20.31
C TYS C 10 8.99 -4.90 -21.02
O TYS C 10 9.09 -5.36 -19.86
N LEU C 11 8.70 -5.64 -22.10
CA LEU C 11 8.53 -7.09 -22.02
C LEU C 11 9.73 -7.95 -22.38
N GLN C 12 10.95 -7.40 -22.23
CA GLN C 12 12.18 -8.12 -22.55
C GLN C 12 13.22 -7.74 -21.48
C1 NAG D . 11.12 -19.80 -4.54
C2 NAG D . 11.64 -21.22 -4.24
C3 NAG D . 13.16 -21.29 -3.86
C4 NAG D . 13.98 -20.54 -4.96
C5 NAG D . 13.40 -19.13 -5.26
C6 NAG D . 14.03 -18.54 -6.53
C7 NAG D . 10.78 -21.32 -1.98
C8 NAG D . 9.62 -21.80 -1.09
N2 NAG D . 10.82 -21.84 -3.21
O3 NAG D . 13.56 -22.70 -3.67
O4 NAG D . 15.41 -20.36 -4.61
O5 NAG D . 11.97 -19.13 -5.48
O6 NAG D . 13.85 -19.44 -7.66
O7 NAG D . 11.62 -20.51 -1.58
NA NA E . -8.64 -14.53 19.13
NA NA F . -14.56 -5.16 8.29
C1 BT1 G . -8.75 -7.06 3.45
C2 BT1 G . -9.49 -8.06 2.52
C3 BT1 G . -8.74 -9.12 1.81
C4 BT1 G . -7.27 -9.27 1.92
C5 BT1 G . -6.53 -8.33 2.73
C6 BT1 G . -7.24 -7.18 3.56
S1 BT1 G . -9.37 -10.38 0.91
C8 BT1 G . -7.89 -11.13 0.50
C9 BT1 G . -6.84 -10.45 1.20
C7 BT1 G . -5.54 -11.00 1.40
C10 BT1 G . -7.73 -12.22 -0.56
C12 BT1 G . -8.75 -13.29 -0.59
C14 BT1 G . -8.62 -14.54 -1.44
C16 BT1 G . -7.41 -14.72 -2.33
C18 BT1 G . -6.38 -13.58 -2.39
C20 BT1 G . -6.58 -12.35 -1.49
O2 BT1 G . -7.21 -15.87 -3.14
C24 BT1 G . -7.93 -17.13 -2.83
C11 BT1 G . -3.70 -12.86 1.90
C13 BT1 G . -5.17 -12.38 1.95
C15 BT1 G . -6.18 -13.35 2.59
N1 BT1 G . -5.81 -14.57 3.16
C19 BT1 G . -4.42 -15.06 3.25
C21 BT1 G . -3.32 -14.19 2.61
O3 BT1 G . -4.03 -16.29 3.87
C25 BT1 G . -4.86 -16.68 5.01
C17 BT1 G . -3.51 -15.03 8.19
C23 BT1 G . -2.17 -15.67 7.90
C26 BT1 G . -2.40 -16.96 7.11
N2 BT1 G . -3.87 -17.25 7.27
C27 BT1 G . -4.60 -16.00 7.74
C22 BT1 G . -7.57 -20.42 -4.85
N3 BT1 G . -7.18 -19.06 -4.31
C28 BT1 G . -5.73 -18.68 -4.55
C29 BT1 G . -5.14 -19.92 -5.25
C30 BT1 G . -6.28 -20.91 -5.51
C33 BT1 G . -4.26 -17.77 5.90
C34 BT1 G . -8.21 -18.00 -4.07
O1 BT1 G . -4.62 -10.25 1.08
#